data_6TTN
#
_entry.id   6TTN
#
_cell.length_a   39.894
_cell.length_b   79.841
_cell.length_c   104.701
_cell.angle_alpha   90.000
_cell.angle_beta   90.000
_cell.angle_gamma   90.000
#
_symmetry.space_group_name_H-M   'P 21 21 21'
#
loop_
_entity.id
_entity.type
_entity.pdbx_description
1 polymer 'Hyoscyamine 6 beta-hydroxylase'
2 non-polymer N-OXALYLGLYCINE
3 non-polymer 1,2-ETHANEDIOL
4 non-polymer '[(1S,5R)-8-methyl-8-azabicyclo[3.2.1]octan-3-yl] (2S)-3-hydroxy-2-phenylpropanoate'
5 non-polymer 'STRONTIUM ION'
6 non-polymer 'NICKEL (II) ION'
7 non-polymer 'SODIUM ION'
8 non-polymer 'UNKNOWN ATOM OR ION'
9 water water
#
_entity_poly.entity_id   1
_entity_poly.type   'polypeptide(L)'
_entity_poly.pdbx_seq_one_letter_code
;SNADVPIIDLQQDHLLIVQQITKACQDFGLFQVINHGVPEKLMVEAMEVYKEFFALPAEEKEKFQPKGEPAKFELPLEQK
AKLYVEGERRCNEEFLYWKDTLAHGCYPLHEELLNSWPEKPPTYRDVIAKYSVEVRKLTMRILDYICEGLGLKLGYFDNE
LTQIQMLLANYYPSCPDPSTTIGSGGHYDGNLITLLQQDLVGLQQLIVKDDKWIAVEPIPTAFVVNLGLTLKVMSNEKFE
GSIHRVVTHPIRNRISIGTLIGPDYSCTIEPIKELISQENPPLYKPYPYAEFAEIYLSDKSDYDAGVKPYKINQFPN
;
_entity_poly.pdbx_strand_id   A
#
loop_
_chem_comp.id
_chem_comp.type
_chem_comp.name
_chem_comp.formula
EDO non-polymer 1,2-ETHANEDIOL 'C2 H6 O2'
HYO non-polymer '[(1S,5R)-8-methyl-8-azabicyclo[3.2.1]octan-3-yl] (2S)-3-hydroxy-2-phenylpropanoate' 'C17 H23 N O3'
NA non-polymer 'SODIUM ION' 'Na 1'
NI non-polymer 'NICKEL (II) ION' 'Ni 2'
OGA non-polymer N-OXALYLGLYCINE 'C4 H5 N O5'
SR non-polymer 'STRONTIUM ION' 'Sr 2'
UNX non-polymer 'UNKNOWN ATOM OR ION' ?
#
# COMPACT_ATOMS: atom_id res chain seq x y z
N ALA A 3 19.24 8.78 -7.53
CA ALA A 3 19.74 7.63 -6.77
C ALA A 3 18.95 7.45 -5.46
N ASP A 4 18.37 8.54 -4.97
CA ASP A 4 17.58 8.47 -3.75
C ASP A 4 16.29 7.67 -3.92
N VAL A 5 15.95 7.26 -5.14
CA VAL A 5 14.89 6.30 -5.35
C VAL A 5 15.53 5.11 -6.08
N PRO A 6 16.06 4.13 -5.35
CA PRO A 6 16.73 3.01 -6.02
C PRO A 6 15.79 2.20 -6.91
N ILE A 7 16.33 1.72 -8.03
CA ILE A 7 15.62 0.83 -8.93
C ILE A 7 16.36 -0.50 -8.88
N ILE A 8 15.69 -1.53 -8.38
CA ILE A 8 16.32 -2.80 -8.07
C ILE A 8 15.85 -3.86 -9.06
N ASP A 9 16.80 -4.44 -9.78
CA ASP A 9 16.54 -5.47 -10.78
C ASP A 9 16.50 -6.83 -10.09
N LEU A 10 15.34 -7.47 -10.09
CA LEU A 10 15.13 -8.72 -9.39
C LEU A 10 15.64 -9.94 -10.17
N GLN A 11 16.33 -9.73 -11.29
CA GLN A 11 17.03 -10.80 -11.99
C GLN A 11 18.54 -10.70 -11.85
N GLN A 12 19.05 -9.82 -10.98
CA GLN A 12 20.44 -9.84 -10.55
C GLN A 12 20.69 -11.02 -9.61
N ASP A 13 21.95 -11.21 -9.24
CA ASP A 13 22.31 -12.21 -8.24
C ASP A 13 21.51 -12.00 -6.96
N HIS A 14 21.10 -13.12 -6.36
CA HIS A 14 20.27 -13.10 -5.16
C HIS A 14 20.88 -12.26 -4.04
N LEU A 15 22.18 -12.45 -3.77
CA LEU A 15 22.81 -11.72 -2.67
C LEU A 15 22.81 -10.22 -2.94
N LEU A 16 23.07 -9.80 -4.18
CA LEU A 16 23.02 -8.39 -4.50
C LEU A 16 21.64 -7.82 -4.29
N ILE A 17 20.59 -8.58 -4.63
CA ILE A 17 19.24 -8.12 -4.39
C ILE A 17 19.01 -7.89 -2.91
N VAL A 18 19.38 -8.88 -2.08
CA VAL A 18 19.21 -8.75 -0.64
C VAL A 18 19.94 -7.50 -0.13
N GLN A 19 21.19 -7.32 -0.57
CA GLN A 19 21.97 -6.18 -0.11
C GLN A 19 21.35 -4.85 -0.55
N GLN A 20 20.90 -4.77 -1.79
CA GLN A 20 20.32 -3.53 -2.30
C GLN A 20 18.97 -3.22 -1.64
N ILE A 21 18.12 -4.23 -1.48
CA ILE A 21 16.85 -4.02 -0.80
C ILE A 21 17.10 -3.58 0.62
N THR A 22 18.01 -4.25 1.32
CA THR A 22 18.26 -3.89 2.71
C THR A 22 18.70 -2.44 2.83
N LYS A 23 19.63 -2.01 1.97
CA LYS A 23 20.09 -0.62 2.02
CA LYS A 23 20.09 -0.62 2.02
C LYS A 23 18.95 0.34 1.74
N ALA A 24 18.10 0.03 0.75
CA ALA A 24 16.99 0.92 0.45
C ALA A 24 16.02 1.00 1.62
N CYS A 25 15.78 -0.11 2.29
CA CYS A 25 14.88 -0.14 3.43
C CYS A 25 15.43 0.66 4.61
N GLN A 26 16.76 0.59 4.82
CA GLN A 26 17.41 1.32 5.90
C GLN A 26 17.43 2.80 5.62
N ASP A 27 17.63 3.18 4.35
CA ASP A 27 17.95 4.55 4.04
C ASP A 27 16.70 5.33 3.66
N PHE A 28 15.74 4.69 2.97
CA PHE A 28 14.63 5.42 2.34
C PHE A 28 13.25 4.88 2.67
N GLY A 29 13.09 3.58 2.72
CA GLY A 29 11.78 2.97 2.88
C GLY A 29 10.96 2.87 1.61
N LEU A 30 11.52 3.24 0.46
CA LEU A 30 10.84 3.19 -0.82
C LEU A 30 11.89 2.89 -1.91
N PHE A 31 11.52 2.01 -2.83
CA PHE A 31 12.38 1.67 -3.97
C PHE A 31 11.46 1.17 -5.07
N GLN A 32 11.99 0.99 -6.26
CA GLN A 32 11.24 0.35 -7.34
C GLN A 32 11.89 -1.00 -7.66
N VAL A 33 11.09 -1.91 -8.17
CA VAL A 33 11.57 -3.19 -8.66
C VAL A 33 11.23 -3.34 -10.13
N ILE A 34 12.20 -3.86 -10.88
CA ILE A 34 12.05 -4.22 -12.29
C ILE A 34 12.45 -5.69 -12.47
N ASN A 35 12.07 -6.24 -13.63
CA ASN A 35 12.29 -7.67 -13.91
C ASN A 35 11.76 -8.55 -12.78
N HIS A 36 10.58 -8.19 -12.30
CA HIS A 36 10.02 -8.69 -11.04
C HIS A 36 9.14 -9.92 -11.18
N GLY A 37 8.95 -10.42 -12.39
CA GLY A 37 8.24 -11.65 -12.60
C GLY A 37 6.74 -11.57 -12.75
N VAL A 38 6.14 -10.41 -12.48
CA VAL A 38 4.70 -10.24 -12.75
C VAL A 38 4.53 -9.98 -14.25
N PRO A 39 3.64 -10.69 -14.93
CA PRO A 39 3.52 -10.48 -16.38
C PRO A 39 3.17 -9.03 -16.72
N GLU A 40 3.94 -8.46 -17.64
CA GLU A 40 3.64 -7.09 -18.12
C GLU A 40 2.26 -7.03 -18.76
N LYS A 41 1.88 -8.07 -19.49
CA LYS A 41 0.58 -8.07 -20.15
C LYS A 41 -0.53 -7.91 -19.11
N LEU A 42 -0.38 -8.58 -17.97
CA LEU A 42 -1.35 -8.51 -16.91
C LEU A 42 -1.36 -7.12 -16.25
N MET A 43 -0.19 -6.50 -16.08
CA MET A 43 -0.15 -5.14 -15.57
C MET A 43 -0.86 -4.18 -16.50
N VAL A 44 -0.66 -4.33 -17.81
CA VAL A 44 -1.34 -3.50 -18.80
C VAL A 44 -2.84 -3.73 -18.76
N GLU A 45 -3.25 -5.01 -18.70
CA GLU A 45 -4.67 -5.34 -18.65
C GLU A 45 -5.33 -4.79 -17.40
N ALA A 46 -4.65 -4.85 -16.25
CA ALA A 46 -5.21 -4.30 -15.02
C ALA A 46 -5.43 -2.78 -15.16
N MET A 47 -4.44 -2.06 -15.69
CA MET A 47 -4.60 -0.64 -15.86
C MET A 47 -5.77 -0.35 -16.83
N GLU A 48 -5.90 -1.14 -17.90
CA GLU A 48 -7.01 -0.94 -18.82
CA GLU A 48 -7.00 -0.94 -18.83
C GLU A 48 -8.35 -1.19 -18.15
N VAL A 49 -8.42 -2.20 -17.27
CA VAL A 49 -9.64 -2.45 -16.51
C VAL A 49 -10.03 -1.24 -15.70
N TYR A 50 -9.07 -0.61 -15.03
CA TYR A 50 -9.41 0.57 -14.21
C TYR A 50 -9.75 1.77 -15.08
N LYS A 51 -9.08 1.95 -16.22
CA LYS A 51 -9.51 2.99 -17.14
CA LYS A 51 -9.50 2.99 -17.15
C LYS A 51 -10.96 2.81 -17.54
N GLU A 52 -11.35 1.59 -17.86
CA GLU A 52 -12.72 1.29 -18.24
C GLU A 52 -13.67 1.50 -17.05
N PHE A 53 -13.27 1.03 -15.86
CA PHE A 53 -14.12 1.17 -14.69
C PHE A 53 -14.41 2.63 -14.37
N PHE A 54 -13.37 3.46 -14.33
CA PHE A 54 -13.59 4.86 -13.95
C PHE A 54 -14.31 5.64 -15.03
N ALA A 55 -14.33 5.14 -16.26
CA ALA A 55 -15.11 5.75 -17.33
C ALA A 55 -16.57 5.31 -17.36
N LEU A 56 -16.98 4.36 -16.52
CA LEU A 56 -18.37 3.94 -16.49
C LEU A 56 -19.27 5.08 -16.07
N PRO A 57 -20.54 5.03 -16.44
CA PRO A 57 -21.47 6.09 -16.05
C PRO A 57 -21.76 6.05 -14.56
N ALA A 58 -22.26 7.20 -14.09
CA ALA A 58 -22.56 7.37 -12.69
C ALA A 58 -23.50 6.30 -12.18
N GLU A 59 -24.46 5.85 -13.02
CA GLU A 59 -25.41 4.86 -12.53
C GLU A 59 -24.75 3.52 -12.16
N GLU A 60 -23.62 3.19 -12.79
CA GLU A 60 -22.81 2.03 -12.41
CA GLU A 60 -22.85 2.01 -12.39
C GLU A 60 -22.06 2.28 -11.12
N LYS A 61 -21.48 3.47 -10.96
CA LYS A 61 -20.72 3.85 -9.77
CA LYS A 61 -20.70 3.73 -9.77
C LYS A 61 -21.54 3.72 -8.50
N GLU A 62 -22.84 3.98 -8.59
CA GLU A 62 -23.72 3.90 -7.42
C GLU A 62 -23.69 2.52 -6.79
N LYS A 63 -23.36 1.48 -7.58
N LYS A 63 -23.41 1.47 -7.58
CA LYS A 63 -23.32 0.13 -7.01
CA LYS A 63 -23.32 0.13 -7.00
C LYS A 63 -22.25 -0.01 -5.95
C LYS A 63 -22.33 0.08 -5.85
N PHE A 64 -21.27 0.88 -5.92
CA PHE A 64 -20.15 0.83 -4.99
C PHE A 64 -20.23 1.88 -3.90
N GLN A 65 -21.39 2.56 -3.80
CA GLN A 65 -21.59 3.60 -2.80
C GLN A 65 -22.53 3.05 -1.75
N PRO A 66 -22.00 2.61 -0.61
CA PRO A 66 -22.88 2.04 0.41
CA PRO A 66 -22.88 2.04 0.42
C PRO A 66 -23.90 3.07 0.88
N LYS A 67 -25.15 2.65 0.91
CA LYS A 67 -26.24 3.53 1.34
CA LYS A 67 -26.21 3.54 1.37
C LYS A 67 -26.25 4.83 0.56
N GLY A 68 -25.81 4.78 -0.70
CA GLY A 68 -25.95 5.91 -1.59
C GLY A 68 -24.87 6.96 -1.56
N GLU A 69 -23.79 6.78 -0.78
CA GLU A 69 -22.71 7.76 -0.79
C GLU A 69 -21.38 7.01 -0.76
N PRO A 70 -20.29 7.67 -1.16
CA PRO A 70 -18.99 7.02 -1.06
C PRO A 70 -18.65 6.67 0.37
N ALA A 71 -17.86 5.62 0.51
CA ALA A 71 -17.31 5.22 1.79
C ALA A 71 -16.15 6.14 2.18
N LYS A 72 -15.81 6.09 3.45
N LYS A 72 -15.82 6.10 3.46
N LYS A 72 -15.81 6.07 3.46
CA LYS A 72 -14.66 6.79 4.00
CA LYS A 72 -14.66 6.78 4.01
CA LYS A 72 -14.68 6.77 4.04
C LYS A 72 -13.71 5.78 4.65
C LYS A 72 -13.69 5.73 4.55
C LYS A 72 -13.70 5.75 4.60
N PHE A 73 -12.43 6.12 4.64
CA PHE A 73 -11.40 5.27 5.24
C PHE A 73 -11.49 5.45 6.75
N GLU A 74 -12.32 4.61 7.35
CA GLU A 74 -12.64 4.61 8.78
C GLU A 74 -13.03 3.20 9.14
N LEU A 75 -12.96 2.88 10.41
CA LEU A 75 -13.33 1.54 10.86
C LEU A 75 -14.84 1.44 11.00
N PRO A 76 -15.42 0.27 10.73
CA PRO A 76 -14.74 -0.91 10.19
C PRO A 76 -14.38 -0.70 8.75
N LEU A 77 -13.17 -1.12 8.38
N LEU A 77 -13.17 -1.11 8.39
CA LEU A 77 -12.71 -1.02 7.00
CA LEU A 77 -12.73 -1.04 7.00
C LEU A 77 -13.01 -2.37 6.34
C LEU A 77 -13.03 -2.38 6.36
N GLU A 78 -14.16 -2.46 5.69
CA GLU A 78 -14.59 -3.70 5.09
C GLU A 78 -13.73 -4.06 3.88
N GLN A 79 -13.67 -5.35 3.59
CA GLN A 79 -13.01 -5.85 2.39
C GLN A 79 -13.92 -5.82 1.16
N LYS A 80 -15.23 -5.76 1.36
N LYS A 80 -15.23 -5.77 1.34
CA LYS A 80 -16.14 -5.64 0.22
CA LYS A 80 -16.12 -5.73 0.18
C LYS A 80 -15.77 -4.42 -0.62
C LYS A 80 -15.87 -4.44 -0.60
N ALA A 81 -15.98 -4.52 -1.92
CA ALA A 81 -15.60 -3.43 -2.80
C ALA A 81 -16.51 -2.21 -2.61
N LYS A 82 -15.88 -1.06 -2.45
CA LYS A 82 -16.58 0.21 -2.32
C LYS A 82 -15.76 1.29 -3.03
N LEU A 83 -16.45 2.36 -3.42
CA LEU A 83 -15.81 3.60 -3.81
C LEU A 83 -15.69 4.48 -2.58
N TYR A 84 -14.50 5.01 -2.37
CA TYR A 84 -14.12 5.84 -1.24
C TYR A 84 -13.74 7.23 -1.71
N VAL A 85 -13.92 8.18 -0.80
CA VAL A 85 -13.30 9.50 -0.93
C VAL A 85 -12.38 9.73 0.28
N GLU A 86 -11.40 10.62 0.12
CA GLU A 86 -10.43 10.87 1.18
C GLU A 86 -9.88 12.27 1.01
N GLY A 87 -10.02 13.09 2.04
CA GLY A 87 -9.50 14.45 2.01
C GLY A 87 -10.21 15.33 0.99
N GLU A 88 -9.99 16.64 1.10
CA GLU A 88 -10.58 17.60 0.20
C GLU A 88 -9.48 18.45 -0.41
N ARG A 89 -9.61 18.72 -1.71
CA ARG A 89 -8.75 19.66 -2.40
C ARG A 89 -9.60 20.42 -3.42
N ARG A 90 -9.29 21.69 -3.62
CA ARG A 90 -10.08 22.55 -4.49
C ARG A 90 -9.30 22.89 -5.75
N CYS A 91 -10.04 23.01 -6.86
CA CYS A 91 -9.43 23.32 -8.14
C CYS A 91 -9.75 24.75 -8.56
N TYR A 97 -14.35 15.21 -6.11
CA TYR A 97 -13.29 14.94 -5.15
C TYR A 97 -11.95 14.80 -5.87
N TRP A 98 -10.86 15.16 -5.19
CA TRP A 98 -9.54 15.09 -5.82
C TRP A 98 -9.06 13.66 -6.03
N LYS A 99 -9.62 12.70 -5.28
CA LYS A 99 -9.25 11.29 -5.38
C LYS A 99 -10.47 10.40 -5.16
N ASP A 100 -10.78 9.61 -6.16
N ASP A 100 -10.70 9.50 -6.11
CA ASP A 100 -11.75 8.54 -6.01
CA ASP A 100 -11.79 8.54 -6.07
C ASP A 100 -10.99 7.24 -5.96
C ASP A 100 -11.19 7.14 -6.10
N THR A 101 -11.30 6.39 -4.99
CA THR A 101 -10.59 5.12 -4.86
C THR A 101 -11.59 3.97 -4.82
N LEU A 102 -11.42 3.02 -5.72
CA LEU A 102 -12.12 1.75 -5.64
C LEU A 102 -11.22 0.83 -4.81
N ALA A 103 -11.72 0.32 -3.68
CA ALA A 103 -10.90 -0.53 -2.83
C ALA A 103 -11.66 -1.79 -2.47
N HIS A 104 -10.89 -2.88 -2.34
CA HIS A 104 -11.45 -4.15 -1.90
C HIS A 104 -10.32 -5.04 -1.41
N GLY A 105 -10.67 -5.96 -0.53
CA GLY A 105 -9.74 -7.04 -0.20
C GLY A 105 -9.59 -8.02 -1.34
N CYS A 106 -8.55 -8.84 -1.22
CA CYS A 106 -8.20 -9.79 -2.27
C CYS A 106 -7.86 -11.18 -1.78
N TYR A 107 -7.61 -11.36 -0.49
CA TYR A 107 -7.02 -12.61 -0.01
C TYR A 107 -7.38 -12.91 1.43
N PRO A 108 -7.86 -14.11 1.76
CA PRO A 108 -8.32 -15.12 0.81
C PRO A 108 -9.48 -14.61 -0.02
N LEU A 109 -9.62 -15.14 -1.20
CA LEU A 109 -10.66 -14.66 -2.11
C LEU A 109 -11.96 -15.48 -1.90
N HIS A 110 -12.61 -15.21 -0.77
CA HIS A 110 -13.90 -15.83 -0.45
C HIS A 110 -14.93 -15.48 -1.52
N GLU A 111 -15.88 -16.38 -1.73
CA GLU A 111 -16.93 -16.13 -2.72
C GLU A 111 -17.69 -14.86 -2.40
N GLU A 112 -17.97 -14.61 -1.12
CA GLU A 112 -18.71 -13.41 -0.70
C GLU A 112 -17.93 -12.15 -1.02
N LEU A 113 -16.60 -12.22 -0.93
CA LEU A 113 -15.73 -11.10 -1.27
C LEU A 113 -15.69 -10.90 -2.78
N LEU A 114 -15.45 -11.97 -3.54
CA LEU A 114 -15.41 -11.88 -5.00
C LEU A 114 -16.72 -11.34 -5.54
N ASN A 115 -17.85 -11.74 -4.97
CA ASN A 115 -19.13 -11.27 -5.50
C ASN A 115 -19.44 -9.83 -5.12
N SER A 116 -18.61 -9.20 -4.32
CA SER A 116 -18.70 -7.75 -4.12
C SER A 116 -17.93 -6.97 -5.17
N TRP A 117 -17.00 -7.63 -5.88
CA TRP A 117 -16.19 -6.94 -6.88
C TRP A 117 -17.06 -6.52 -8.07
N PRO A 118 -16.61 -5.54 -8.84
CA PRO A 118 -17.32 -5.19 -10.08
C PRO A 118 -17.52 -6.38 -10.98
N GLU A 119 -18.67 -6.38 -11.65
CA GLU A 119 -18.95 -7.29 -12.76
CA GLU A 119 -18.93 -7.29 -12.76
C GLU A 119 -18.84 -6.57 -14.10
N LYS A 120 -18.87 -5.24 -14.09
N LYS A 120 -18.84 -5.25 -14.10
CA LYS A 120 -18.54 -4.40 -15.22
CA LYS A 120 -18.54 -4.46 -15.26
C LYS A 120 -17.31 -3.59 -14.84
C LYS A 120 -17.39 -3.53 -14.91
N PRO A 121 -16.31 -3.48 -15.71
CA PRO A 121 -16.17 -4.13 -17.02
C PRO A 121 -16.09 -5.64 -16.89
N PRO A 122 -16.49 -6.35 -17.93
CA PRO A 122 -16.72 -7.79 -17.79
C PRO A 122 -15.46 -8.59 -17.49
N THR A 123 -14.27 -8.08 -17.81
CA THR A 123 -13.03 -8.79 -17.51
C THR A 123 -12.47 -8.46 -16.13
N TYR A 124 -13.16 -7.62 -15.34
CA TYR A 124 -12.62 -7.21 -14.04
C TYR A 124 -12.21 -8.41 -13.20
N ARG A 125 -13.13 -9.33 -12.97
CA ARG A 125 -12.83 -10.36 -11.98
C ARG A 125 -11.70 -11.27 -12.44
N ASP A 126 -11.69 -11.67 -13.71
CA ASP A 126 -10.61 -12.54 -14.17
C ASP A 126 -9.26 -11.84 -14.09
N VAL A 127 -9.17 -10.63 -14.63
CA VAL A 127 -7.90 -9.90 -14.67
C VAL A 127 -7.41 -9.58 -13.28
N ILE A 128 -8.30 -9.01 -12.46
CA ILE A 128 -7.88 -8.52 -11.15
C ILE A 128 -7.60 -9.66 -10.17
N ALA A 129 -8.31 -10.78 -10.29
CA ALA A 129 -7.95 -11.93 -9.46
C ALA A 129 -6.55 -12.41 -9.81
N LYS A 130 -6.25 -12.55 -11.10
N LYS A 130 -6.25 -12.55 -11.10
CA LYS A 130 -4.92 -13.00 -11.50
CA LYS A 130 -4.92 -13.02 -11.50
C LYS A 130 -3.87 -12.00 -11.09
C LYS A 130 -3.85 -12.00 -11.11
N TYR A 131 -4.14 -10.71 -11.29
CA TYR A 131 -3.21 -9.66 -10.89
C TYR A 131 -2.93 -9.73 -9.40
N SER A 132 -3.97 -9.87 -8.60
N SER A 132 -3.97 -9.89 -8.59
CA SER A 132 -3.78 -9.89 -7.15
CA SER A 132 -3.79 -9.89 -7.14
C SER A 132 -2.91 -11.06 -6.71
C SER A 132 -2.95 -11.08 -6.66
N VAL A 133 -3.10 -12.23 -7.32
CA VAL A 133 -2.27 -13.40 -6.98
C VAL A 133 -0.81 -13.11 -7.32
N GLU A 134 -0.54 -12.56 -8.49
CA GLU A 134 0.83 -12.25 -8.90
C GLU A 134 1.44 -11.19 -8.00
N VAL A 135 0.70 -10.13 -7.68
CA VAL A 135 1.28 -9.07 -6.85
C VAL A 135 1.54 -9.59 -5.44
N ARG A 136 0.67 -10.44 -4.91
CA ARG A 136 0.94 -11.04 -3.60
C ARG A 136 2.21 -11.88 -3.65
N LYS A 137 2.37 -12.69 -4.71
CA LYS A 137 3.55 -13.53 -4.82
CA LYS A 137 3.56 -13.54 -4.83
C LYS A 137 4.82 -12.68 -4.84
N LEU A 138 4.80 -11.58 -5.58
CA LEU A 138 5.95 -10.68 -5.60
C LEU A 138 6.18 -10.06 -4.23
N THR A 139 5.11 -9.62 -3.57
CA THR A 139 5.24 -9.04 -2.24
C THR A 139 5.90 -10.03 -1.28
N MET A 140 5.47 -11.29 -1.31
CA MET A 140 6.05 -12.28 -0.41
C MET A 140 7.50 -12.54 -0.75
N ARG A 141 7.88 -12.49 -2.03
CA ARG A 141 9.29 -12.58 -2.38
C ARG A 141 10.09 -11.44 -1.76
N ILE A 142 9.56 -10.21 -1.87
CA ILE A 142 10.24 -9.05 -1.31
C ILE A 142 10.35 -9.17 0.21
N LEU A 143 9.30 -9.63 0.88
CA LEU A 143 9.37 -9.81 2.32
C LEU A 143 10.42 -10.86 2.70
N ASP A 144 10.63 -11.89 1.88
CA ASP A 144 11.69 -12.86 2.16
C ASP A 144 13.07 -12.26 1.94
N TYR A 145 13.26 -11.44 0.92
CA TYR A 145 14.54 -10.72 0.80
C TYR A 145 14.79 -9.88 2.06
N ILE A 146 13.74 -9.21 2.54
CA ILE A 146 13.79 -8.45 3.78
C ILE A 146 14.14 -9.33 4.98
N CYS A 147 13.56 -10.53 5.06
CA CYS A 147 13.93 -11.45 6.13
C CYS A 147 15.43 -11.73 6.11
N GLU A 148 15.97 -12.01 4.93
CA GLU A 148 17.40 -12.27 4.83
C GLU A 148 18.20 -11.06 5.27
N GLY A 149 17.78 -9.85 4.88
CA GLY A 149 18.50 -8.66 5.28
C GLY A 149 18.46 -8.40 6.77
N LEU A 150 17.36 -8.76 7.43
CA LEU A 150 17.20 -8.58 8.86
C LEU A 150 17.78 -9.74 9.67
N GLY A 151 18.11 -10.85 9.04
CA GLY A 151 18.59 -12.02 9.73
C GLY A 151 17.51 -12.93 10.29
N LEU A 152 16.31 -12.88 9.74
CA LEU A 152 15.18 -13.70 10.16
C LEU A 152 15.03 -14.88 9.21
N LYS A 153 14.44 -15.95 9.73
N LYS A 153 14.44 -15.95 9.72
CA LYS A 153 14.18 -17.12 8.89
CA LYS A 153 14.17 -17.09 8.88
C LYS A 153 13.18 -16.77 7.79
C LYS A 153 13.20 -16.71 7.76
N LEU A 154 13.39 -17.36 6.61
CA LEU A 154 12.46 -17.16 5.52
C LEU A 154 11.06 -17.52 5.96
N GLY A 155 10.09 -16.77 5.47
CA GLY A 155 8.70 -17.01 5.78
C GLY A 155 8.20 -16.32 7.03
N TYR A 156 9.03 -15.49 7.66
CA TYR A 156 8.65 -14.86 8.92
C TYR A 156 7.30 -14.13 8.81
N PHE A 157 7.04 -13.47 7.67
CA PHE A 157 5.83 -12.66 7.52
C PHE A 157 4.65 -13.42 6.90
N ASP A 158 4.82 -14.72 6.63
CA ASP A 158 3.81 -15.52 5.96
C ASP A 158 2.85 -16.10 7.02
N ASN A 159 2.02 -15.20 7.55
N ASN A 159 2.05 -15.19 7.59
CA ASN A 159 1.08 -15.54 8.60
CA ASN A 159 1.13 -15.53 8.67
C ASN A 159 0.12 -14.37 8.80
C ASN A 159 0.12 -14.39 8.80
N GLU A 160 -0.46 -14.22 10.00
CA GLU A 160 -1.42 -13.15 10.27
C GLU A 160 -0.90 -11.75 9.94
N LEU A 161 0.42 -11.57 9.90
CA LEU A 161 1.00 -10.27 9.59
C LEU A 161 0.74 -9.80 8.17
N THR A 162 0.36 -10.72 7.28
CA THR A 162 0.04 -10.42 5.89
C THR A 162 -1.37 -10.90 5.51
N GLN A 163 -2.25 -11.01 6.51
N GLN A 163 -2.25 -11.00 6.51
CA GLN A 163 -3.57 -11.59 6.28
CA GLN A 163 -3.57 -11.57 6.31
C GLN A 163 -4.47 -10.73 5.42
C GLN A 163 -4.47 -10.73 5.42
N ILE A 164 -4.25 -9.41 5.37
CA ILE A 164 -5.10 -8.50 4.60
C ILE A 164 -4.32 -7.99 3.39
N GLN A 165 -4.95 -8.07 2.25
CA GLN A 165 -4.44 -7.55 0.98
C GLN A 165 -5.47 -6.62 0.38
N MET A 166 -5.34 -5.32 0.63
CA MET A 166 -6.30 -4.33 0.10
C MET A 166 -5.76 -3.80 -1.21
N LEU A 167 -6.56 -3.91 -2.26
CA LEU A 167 -6.29 -3.26 -3.54
C LEU A 167 -7.01 -1.92 -3.49
N LEU A 168 -6.25 -0.84 -3.68
CA LEU A 168 -6.75 0.52 -3.74
C LEU A 168 -6.41 1.05 -5.13
N ALA A 169 -7.41 1.18 -6.00
CA ALA A 169 -7.24 1.71 -7.34
C ALA A 169 -7.69 3.16 -7.28
N ASN A 170 -6.77 4.08 -7.54
CA ASN A 170 -7.00 5.50 -7.32
C ASN A 170 -7.14 6.23 -8.65
N TYR A 171 -8.13 7.12 -8.70
CA TYR A 171 -8.39 8.00 -9.85
C TYR A 171 -8.28 9.42 -9.35
N TYR A 172 -7.40 10.18 -9.99
CA TYR A 172 -7.12 11.57 -9.62
C TYR A 172 -7.57 12.44 -10.79
N PRO A 173 -8.72 13.10 -10.69
N PRO A 173 -8.70 13.13 -10.69
CA PRO A 173 -9.10 14.04 -11.76
CA PRO A 173 -9.10 14.02 -11.79
C PRO A 173 -8.02 15.11 -11.93
C PRO A 173 -8.08 15.14 -11.94
N SER A 174 -7.78 15.48 -13.19
CA SER A 174 -6.78 16.49 -13.48
C SER A 174 -7.23 17.85 -12.98
N CYS A 175 -6.25 18.70 -12.68
CA CYS A 175 -6.49 20.08 -12.28
C CYS A 175 -5.21 20.89 -12.45
N PRO A 176 -5.26 22.04 -13.14
CA PRO A 176 -4.03 22.81 -13.36
C PRO A 176 -3.58 23.63 -12.17
N ASP A 177 -4.47 23.90 -11.22
CA ASP A 177 -4.17 24.72 -10.04
C ASP A 177 -4.70 24.07 -8.76
N GLY A 186 0.82 14.31 2.52
CA GLY A 186 1.74 13.20 2.74
C GLY A 186 1.31 12.28 3.86
N HIS A 187 1.76 11.03 3.76
CA HIS A 187 1.38 10.01 4.71
C HIS A 187 2.40 8.89 4.67
N TYR A 188 2.49 8.16 5.79
CA TYR A 188 2.92 6.76 5.73
C TYR A 188 1.71 5.91 5.37
N ASP A 189 1.91 4.81 4.65
CA ASP A 189 0.89 3.77 4.62
C ASP A 189 0.95 3.05 5.96
N GLY A 190 -0.20 2.75 6.58
CA GLY A 190 -0.19 2.22 7.92
C GLY A 190 0.13 0.76 8.05
N ASN A 191 -0.03 0.03 6.94
CA ASN A 191 0.10 -1.41 6.84
C ASN A 191 1.57 -1.83 6.83
N LEU A 192 1.86 -3.07 6.42
CA LEU A 192 3.22 -3.62 6.45
C LEU A 192 4.03 -3.16 5.25
N ILE A 193 3.53 -3.44 4.05
CA ILE A 193 4.24 -3.14 2.80
C ILE A 193 3.22 -2.90 1.72
N THR A 194 3.55 -2.01 0.78
CA THR A 194 2.69 -1.66 -0.34
C THR A 194 3.45 -1.75 -1.64
N LEU A 195 2.81 -2.30 -2.64
CA LEU A 195 3.29 -2.26 -4.03
C LEU A 195 2.35 -1.39 -4.85
N LEU A 196 2.92 -0.46 -5.61
CA LEU A 196 2.13 0.51 -6.35
C LEU A 196 2.55 0.52 -7.81
N GLN A 197 1.57 0.39 -8.70
CA GLN A 197 1.76 0.49 -10.14
C GLN A 197 1.27 1.85 -10.62
N GLN A 198 2.15 2.56 -11.33
CA GLN A 198 1.85 3.88 -11.87
C GLN A 198 2.42 4.02 -13.26
N ASP A 199 1.83 4.91 -14.04
CA ASP A 199 2.29 5.19 -15.39
C ASP A 199 2.41 6.67 -15.72
N LEU A 200 2.23 7.55 -14.75
N LEU A 200 2.19 7.56 -14.74
CA LEU A 200 2.35 8.99 -14.93
CA LEU A 200 2.08 9.00 -14.92
C LEU A 200 2.97 9.61 -13.69
C LEU A 200 2.67 9.69 -13.69
N VAL A 201 3.69 10.72 -13.89
N VAL A 201 3.44 10.76 -13.92
CA VAL A 201 4.23 11.49 -12.78
CA VAL A 201 4.11 11.45 -12.81
C VAL A 201 3.12 11.90 -11.81
C VAL A 201 3.08 11.93 -11.80
N GLY A 202 3.50 12.01 -10.53
CA GLY A 202 2.63 12.49 -9.49
C GLY A 202 3.04 12.03 -8.10
N LEU A 203 3.73 10.91 -7.99
CA LEU A 203 4.15 10.41 -6.68
C LEU A 203 5.46 11.05 -6.27
N GLN A 204 5.52 11.54 -5.03
CA GLN A 204 6.75 12.09 -4.46
C GLN A 204 7.03 11.42 -3.12
N GLN A 205 8.31 11.28 -2.82
N GLN A 205 8.31 11.30 -2.83
CA GLN A 205 8.84 10.67 -1.61
CA GLN A 205 8.82 10.71 -1.61
C GLN A 205 9.53 11.77 -0.80
C GLN A 205 9.53 11.79 -0.80
N LEU A 206 9.34 11.78 0.51
CA LEU A 206 10.02 12.71 1.39
C LEU A 206 11.37 12.12 1.78
N ILE A 207 12.44 12.84 1.46
CA ILE A 207 13.78 12.49 1.94
C ILE A 207 13.95 13.25 3.24
N VAL A 208 13.72 12.57 4.36
CA VAL A 208 13.63 13.25 5.65
C VAL A 208 14.94 13.93 6.00
N LYS A 209 16.08 13.27 5.71
CA LYS A 209 17.38 13.81 6.07
C LYS A 209 17.63 15.17 5.42
N ASP A 210 17.12 15.36 4.21
CA ASP A 210 17.30 16.62 3.48
C ASP A 210 16.06 17.49 3.49
N ASP A 211 14.98 17.06 4.13
CA ASP A 211 13.71 17.78 4.11
C ASP A 211 13.34 18.17 2.68
N LYS A 212 13.31 17.18 1.79
CA LYS A 212 13.09 17.44 0.37
C LYS A 212 12.14 16.39 -0.18
N TRP A 213 11.11 16.86 -0.89
CA TRP A 213 10.21 15.98 -1.62
C TRP A 213 10.73 15.79 -3.03
N ILE A 214 10.87 14.54 -3.45
CA ILE A 214 11.45 14.23 -4.76
C ILE A 214 10.51 13.30 -5.51
N ALA A 215 10.52 13.42 -6.83
CA ALA A 215 9.67 12.59 -7.69
C ALA A 215 10.12 11.13 -7.67
N VAL A 216 9.12 10.25 -7.70
CA VAL A 216 9.33 8.82 -7.94
C VAL A 216 8.98 8.58 -9.40
N GLU A 217 10.00 8.38 -10.24
CA GLU A 217 9.85 8.31 -11.69
C GLU A 217 8.80 7.26 -12.07
N PRO A 218 7.87 7.58 -12.96
CA PRO A 218 6.89 6.58 -13.40
C PRO A 218 7.54 5.62 -14.38
N ILE A 219 7.54 4.36 -14.03
CA ILE A 219 8.00 3.28 -14.90
C ILE A 219 6.83 2.33 -15.03
N PRO A 220 6.11 2.34 -16.17
CA PRO A 220 4.80 1.66 -16.22
C PRO A 220 4.85 0.17 -15.96
N THR A 221 5.97 -0.49 -16.20
CA THR A 221 6.13 -1.92 -16.00
C THR A 221 6.84 -2.26 -14.70
N ALA A 222 7.16 -1.28 -13.85
CA ALA A 222 7.76 -1.51 -12.55
C ALA A 222 6.71 -1.49 -11.46
N PHE A 223 7.10 -1.95 -10.27
CA PHE A 223 6.35 -1.67 -9.06
C PHE A 223 7.17 -0.79 -8.13
N VAL A 224 6.50 0.22 -7.59
CA VAL A 224 7.05 0.98 -6.47
C VAL A 224 6.75 0.21 -5.19
N VAL A 225 7.75 0.00 -4.37
CA VAL A 225 7.62 -0.72 -3.11
C VAL A 225 7.81 0.31 -2.01
N ASN A 226 6.87 0.38 -1.07
CA ASN A 226 7.08 1.25 0.07
C ASN A 226 6.74 0.54 1.37
N LEU A 227 7.58 0.80 2.36
CA LEU A 227 7.41 0.18 3.66
C LEU A 227 6.44 0.99 4.48
N GLY A 228 5.55 0.28 5.17
CA GLY A 228 4.55 0.91 6.00
C GLY A 228 5.00 1.14 7.41
N LEU A 229 4.14 1.85 8.14
N LEU A 229 4.16 1.89 8.15
CA LEU A 229 4.40 2.16 9.54
CA LEU A 229 4.43 2.13 9.57
C LEU A 229 4.47 0.89 10.39
C LEU A 229 4.59 0.82 10.31
N THR A 230 3.78 -0.19 9.97
CA THR A 230 3.85 -1.44 10.71
C THR A 230 5.24 -2.06 10.60
N LEU A 231 5.87 -2.00 9.41
CA LEU A 231 7.21 -2.54 9.28
C LEU A 231 8.25 -1.65 9.95
N LYS A 232 8.04 -0.33 9.97
CA LYS A 232 8.90 0.55 10.75
C LYS A 232 8.92 0.10 12.21
N VAL A 233 7.73 -0.16 12.77
CA VAL A 233 7.65 -0.62 14.16
C VAL A 233 8.28 -2.00 14.32
N MET A 234 7.90 -2.95 13.47
N MET A 234 7.91 -2.95 13.48
CA MET A 234 8.39 -4.30 13.66
CA MET A 234 8.41 -4.31 13.64
C MET A 234 9.90 -4.40 13.50
C MET A 234 9.92 -4.35 13.54
N SER A 235 10.50 -3.57 12.63
CA SER A 235 11.96 -3.51 12.50
C SER A 235 12.63 -2.72 13.60
N ASN A 236 11.85 -2.16 14.53
CA ASN A 236 12.38 -1.31 15.61
C ASN A 236 13.13 -0.12 15.04
N GLU A 237 12.62 0.47 13.96
CA GLU A 237 13.18 1.62 13.26
C GLU A 237 14.52 1.34 12.60
N LYS A 238 14.93 0.07 12.48
CA LYS A 238 16.07 -0.27 11.65
CA LYS A 238 16.10 -0.23 11.65
C LYS A 238 15.78 0.03 10.18
N PHE A 239 14.52 -0.09 9.78
CA PHE A 239 14.07 0.32 8.47
C PHE A 239 13.24 1.60 8.61
N GLU A 240 13.26 2.38 7.56
CA GLU A 240 12.40 3.55 7.47
C GLU A 240 11.03 3.15 6.92
N GLY A 241 9.98 3.77 7.44
CA GLY A 241 8.73 3.82 6.70
C GLY A 241 8.80 4.95 5.68
N SER A 242 8.10 4.78 4.57
CA SER A 242 8.06 5.83 3.55
C SER A 242 6.96 6.85 3.82
N ILE A 243 7.32 8.13 3.85
CA ILE A 243 6.37 9.22 3.82
C ILE A 243 6.33 9.70 2.38
N HIS A 244 5.15 9.64 1.78
CA HIS A 244 5.00 9.97 0.37
C HIS A 244 3.70 10.74 0.16
N ARG A 245 3.57 11.36 -1.01
CA ARG A 245 2.40 12.17 -1.32
C ARG A 245 2.15 12.12 -2.82
N VAL A 246 0.94 12.55 -3.21
CA VAL A 246 0.57 12.58 -4.62
C VAL A 246 0.23 14.00 -5.04
N VAL A 247 0.75 14.39 -6.18
CA VAL A 247 0.47 15.67 -6.85
C VAL A 247 -0.55 15.37 -7.96
N THR A 248 -1.66 16.09 -7.95
CA THR A 248 -2.63 15.99 -9.04
C THR A 248 -1.97 16.40 -10.37
N HIS A 249 -2.27 15.65 -11.43
CA HIS A 249 -1.68 15.98 -12.74
C HIS A 249 -2.42 17.16 -13.36
N PRO A 250 -1.71 18.07 -14.04
CA PRO A 250 -2.40 19.25 -14.61
C PRO A 250 -3.22 18.94 -15.86
N ILE A 251 -2.95 17.81 -16.56
CA ILE A 251 -3.47 17.51 -17.89
C ILE A 251 -4.28 16.23 -17.91
N ARG A 252 -3.73 15.15 -17.33
N ARG A 252 -3.78 15.18 -17.28
CA ARG A 252 -4.26 13.80 -17.37
CA ARG A 252 -4.34 13.86 -17.47
C ARG A 252 -5.05 13.49 -16.12
C ARG A 252 -4.89 13.34 -16.17
N ASN A 253 -5.99 12.58 -16.24
CA ASN A 253 -6.59 11.94 -15.08
C ASN A 253 -5.74 10.72 -14.73
N ARG A 254 -4.97 10.81 -13.67
CA ARG A 254 -4.01 9.76 -13.33
C ARG A 254 -4.67 8.62 -12.56
N ILE A 255 -4.30 7.40 -12.91
CA ILE A 255 -4.74 6.21 -12.19
C ILE A 255 -3.51 5.50 -11.64
N SER A 256 -3.59 5.05 -10.39
CA SER A 256 -2.56 4.21 -9.81
C SER A 256 -3.24 3.01 -9.16
N ILE A 257 -2.48 1.93 -9.03
CA ILE A 257 -3.02 0.68 -8.48
C ILE A 257 -2.13 0.28 -7.30
N GLY A 258 -2.64 0.39 -6.08
CA GLY A 258 -1.89 0.01 -4.88
C GLY A 258 -2.39 -1.31 -4.31
N THR A 259 -1.45 -2.14 -3.92
CA THR A 259 -1.73 -3.37 -3.18
C THR A 259 -1.09 -3.22 -1.81
N LEU A 260 -1.94 -3.06 -0.80
CA LEU A 260 -1.53 -2.72 0.56
C LEU A 260 -1.71 -3.98 1.41
N ILE A 261 -0.60 -4.59 1.78
CA ILE A 261 -0.61 -5.86 2.54
C ILE A 261 -0.24 -5.57 3.99
N GLY A 262 -0.93 -6.23 4.92
CA GLY A 262 -0.64 -6.04 6.30
C GLY A 262 -1.46 -6.91 7.19
N PRO A 263 -1.36 -6.64 8.51
CA PRO A 263 -2.00 -7.49 9.51
C PRO A 263 -3.52 -7.46 9.45
N ASP A 264 -4.08 -8.49 10.06
CA ASP A 264 -5.47 -8.56 10.40
C ASP A 264 -5.78 -7.62 11.58
N TYR A 265 -7.06 -7.23 11.71
CA TYR A 265 -7.45 -6.28 12.75
C TYR A 265 -7.36 -6.86 14.15
N SER A 266 -7.29 -8.19 14.29
CA SER A 266 -7.19 -8.87 15.56
C SER A 266 -5.74 -9.09 15.99
N CYS A 267 -4.76 -8.59 15.22
CA CYS A 267 -3.36 -8.84 15.49
CA CYS A 267 -3.35 -8.83 15.50
C CYS A 267 -2.82 -7.86 16.54
N THR A 268 -1.83 -8.33 17.29
CA THR A 268 -1.03 -7.49 18.17
C THR A 268 0.32 -7.24 17.49
N ILE A 269 0.76 -5.98 17.47
CA ILE A 269 1.98 -5.55 16.79
C ILE A 269 3.03 -5.20 17.82
N GLU A 270 4.27 -5.60 17.58
CA GLU A 270 5.36 -5.19 18.44
C GLU A 270 6.66 -5.30 17.66
N PRO A 271 7.73 -4.64 18.11
CA PRO A 271 9.05 -4.90 17.52
C PRO A 271 9.39 -6.40 17.57
N ILE A 272 9.89 -6.91 16.45
CA ILE A 272 10.25 -8.33 16.31
C ILE A 272 11.19 -8.70 17.45
N LYS A 273 10.74 -9.61 18.31
N LYS A 273 10.77 -9.64 18.28
CA LYS A 273 11.44 -9.88 19.57
CA LYS A 273 11.44 -9.87 19.56
C LYS A 273 12.87 -10.36 19.31
C LYS A 273 12.83 -10.46 19.39
N GLU A 274 13.05 -11.25 18.34
CA GLU A 274 14.34 -11.90 18.13
C GLU A 274 15.43 -10.90 17.79
N LEU A 275 15.09 -9.71 17.33
CA LEU A 275 16.07 -8.71 16.96
C LEU A 275 16.39 -7.74 18.09
N ILE A 276 15.59 -7.73 19.15
CA ILE A 276 15.83 -6.85 20.28
C ILE A 276 17.09 -7.29 20.99
N SER A 277 17.86 -6.34 21.50
CA SER A 277 19.09 -6.62 22.24
C SER A 277 19.33 -5.46 23.20
N GLN A 278 20.42 -5.56 23.97
N GLN A 278 20.41 -5.57 23.98
CA GLN A 278 20.73 -4.49 24.91
CA GLN A 278 20.75 -4.51 24.91
C GLN A 278 21.00 -3.17 24.22
C GLN A 278 20.96 -3.19 24.19
N GLU A 279 21.60 -3.23 23.02
CA GLU A 279 21.89 -2.03 22.24
C GLU A 279 20.76 -1.66 21.30
N ASN A 280 19.76 -2.52 21.17
CA ASN A 280 18.59 -2.30 20.33
C ASN A 280 17.35 -2.57 21.19
N PRO A 281 17.14 -1.78 22.27
CA PRO A 281 15.93 -1.99 23.10
C PRO A 281 14.68 -1.62 22.34
N PRO A 282 13.52 -2.18 22.71
CA PRO A 282 12.31 -1.90 21.94
C PRO A 282 11.93 -0.42 22.01
N LEU A 283 11.52 0.13 20.87
CA LEU A 283 11.10 1.53 20.80
C LEU A 283 9.58 1.68 20.82
N TYR A 284 8.85 0.59 20.78
CA TYR A 284 7.40 0.56 20.87
C TYR A 284 6.99 -0.58 21.78
N LYS A 285 5.97 -0.36 22.60
CA LYS A 285 5.32 -1.43 23.34
C LYS A 285 4.30 -2.13 22.44
N PRO A 286 3.91 -3.36 22.78
CA PRO A 286 2.91 -4.06 21.95
C PRO A 286 1.59 -3.32 21.95
N TYR A 287 0.91 -3.36 20.81
CA TYR A 287 -0.36 -2.68 20.68
C TYR A 287 -1.31 -3.44 19.77
N PRO A 288 -2.61 -3.22 19.93
CA PRO A 288 -3.59 -3.86 19.03
C PRO A 288 -3.64 -3.13 17.70
N TYR A 289 -3.54 -3.88 16.60
CA TYR A 289 -3.59 -3.26 15.29
C TYR A 289 -4.87 -2.46 15.11
N ALA A 290 -6.00 -2.92 15.64
CA ALA A 290 -7.26 -2.20 15.44
C ALA A 290 -7.25 -0.84 16.13
N GLU A 291 -6.61 -0.77 17.30
CA GLU A 291 -6.51 0.48 18.04
C GLU A 291 -5.62 1.47 17.31
N PHE A 292 -4.46 0.99 16.85
CA PHE A 292 -3.60 1.76 15.96
C PHE A 292 -4.39 2.25 14.76
N ALA A 293 -5.15 1.37 14.12
CA ALA A 293 -5.81 1.72 12.87
C ALA A 293 -6.79 2.87 13.07
N GLU A 294 -7.52 2.85 14.18
CA GLU A 294 -8.44 3.94 14.49
C GLU A 294 -7.70 5.28 14.56
N ILE A 295 -6.57 5.32 15.25
CA ILE A 295 -5.81 6.57 15.37
C ILE A 295 -5.21 6.96 14.04
N TYR A 296 -4.60 5.99 13.35
CA TYR A 296 -3.97 6.25 12.05
C TYR A 296 -4.96 6.87 11.08
N LEU A 297 -6.19 6.36 11.06
CA LEU A 297 -7.20 6.86 10.12
C LEU A 297 -7.84 8.17 10.56
N SER A 298 -7.83 8.49 11.85
N SER A 298 -7.79 8.51 11.84
CA SER A 298 -8.52 9.65 12.38
CA SER A 298 -8.55 9.65 12.35
C SER A 298 -7.62 10.85 12.59
C SER A 298 -7.71 10.83 12.84
N ASP A 299 -6.43 10.63 13.12
CA ASP A 299 -5.56 11.69 13.65
C ASP A 299 -4.45 11.99 12.64
N LYS A 300 -4.58 13.10 11.92
CA LYS A 300 -3.59 13.48 10.93
CA LYS A 300 -3.60 13.50 10.92
C LYS A 300 -2.65 14.58 11.43
N SER A 301 -2.57 14.76 12.76
CA SER A 301 -1.76 15.83 13.33
C SER A 301 -0.26 15.65 13.09
N ASP A 302 0.20 14.41 12.91
CA ASP A 302 1.59 14.10 12.62
C ASP A 302 1.59 12.83 11.79
N TYR A 303 2.65 12.65 10.99
CA TYR A 303 2.70 11.48 10.12
C TYR A 303 2.62 10.19 10.93
N ASP A 304 3.25 10.14 12.11
CA ASP A 304 3.25 8.93 12.91
C ASP A 304 2.33 9.00 14.13
N ALA A 305 1.30 9.83 14.06
CA ALA A 305 0.32 9.91 15.15
C ALA A 305 -0.21 8.54 15.58
N GLY A 306 -0.40 7.62 14.62
CA GLY A 306 -0.94 6.32 14.97
C GLY A 306 -0.10 5.50 15.93
N VAL A 307 1.22 5.70 15.93
CA VAL A 307 2.10 4.94 16.81
C VAL A 307 2.66 5.75 17.97
N LYS A 308 2.46 7.06 18.00
N LYS A 308 2.46 7.06 18.00
CA LYS A 308 2.95 7.88 19.10
CA LYS A 308 2.94 7.88 19.10
C LYS A 308 2.55 7.35 20.47
C LYS A 308 2.54 7.37 20.48
N PRO A 309 1.31 6.88 20.70
CA PRO A 309 0.96 6.43 22.05
C PRO A 309 1.74 5.22 22.53
N TYR A 310 2.41 4.52 21.64
CA TYR A 310 3.07 3.26 21.95
C TYR A 310 4.58 3.40 22.03
N LYS A 311 5.12 4.59 21.81
CA LYS A 311 6.56 4.79 21.89
C LYS A 311 7.05 4.63 23.32
N ILE A 312 8.19 3.95 23.46
CA ILE A 312 8.86 3.70 24.73
C ILE A 312 10.37 3.80 24.54
N ASN A 313 11.10 3.82 25.65
CA ASN A 313 12.57 3.85 25.64
C ASN A 313 13.11 5.00 24.80
N GLN A 314 12.40 6.12 24.80
CA GLN A 314 12.84 7.29 24.06
C GLN A 314 13.98 7.98 24.80
N PHE A 315 14.99 8.40 24.07
CA PHE A 315 16.14 9.10 24.66
C PHE A 315 16.54 10.27 23.75
C1 OGA B . -1.81 5.63 -1.43
C2 OGA B . -0.72 6.24 -2.23
C4 OGA B . 0.21 6.84 -4.38
C5 OGA B . -0.26 7.11 -5.77
O1 OGA B . -1.55 5.29 -0.28
O2 OGA B . -2.97 5.45 -2.00
O2' OGA B . 0.28 6.65 -1.65
O3 OGA B . -1.45 7.07 -6.06
N1 OGA B . -0.86 6.32 -3.57
O4 OGA B . 0.68 7.38 -6.61
H4C1 OGA B . 0.53 7.67 -3.99
H4C2 OGA B . 0.93 6.20 -4.41
H1 OGA B . -1.58 6.05 -3.93
C1 EDO C . -4.08 5.69 -17.15
O1 EDO C . -3.01 5.37 -18.00
C2 EDO C . -3.83 7.03 -16.45
O2 EDO C . -2.88 6.90 -15.43
H11 EDO C . -4.89 5.76 -17.68
H12 EDO C . -4.18 5.00 -16.49
HO1 EDO C . -3.17 4.62 -18.39
H21 EDO C . -4.66 7.34 -16.06
H22 EDO C . -3.51 7.68 -17.10
HO2 EDO C . -2.65 7.66 -15.14
C1 EDO D . -8.80 -13.51 13.06
O1 EDO D . -9.12 -12.15 13.03
C2 EDO D . -8.33 -13.90 14.46
O2 EDO D . -6.95 -14.07 14.45
H11 EDO D . -9.57 -14.03 12.81
H12 EDO D . -8.08 -13.69 12.42
HO1 EDO D . -9.42 -11.94 12.27
H21 EDO D . -8.76 -14.73 14.72
H22 EDO D . -8.58 -13.20 15.08
HO2 EDO D . -6.68 -14.26 15.23
C1 EDO E . 28.96 -9.85 -2.14
O1 EDO E . 29.13 -9.36 -0.83
C2 EDO E . 29.02 -8.71 -3.14
O2 EDO E . 28.31 -7.61 -2.70
H11 EDO E . 28.09 -10.29 -2.20
H12 EDO E . 29.65 -10.49 -2.33
HO1 EDO E . 29.05 -9.98 -0.28
H21 EDO E . 29.95 -8.46 -3.28
H22 EDO E . 28.65 -9.01 -3.99
HO2 EDO E . 28.05 -7.15 -3.38
C1 EDO F . -14.04 8.56 -10.90
O1 EDO F . -15.11 7.71 -10.58
C2 EDO F . -14.35 9.41 -12.13
O2 EDO F . -15.69 9.80 -12.12
H11 EDO F . -13.87 9.15 -10.15
H12 EDO F . -13.25 8.03 -11.07
HO1 EDO F . -14.95 7.30 -9.85
H21 EDO F . -14.18 8.88 -12.93
H22 EDO F . -13.79 10.19 -12.14
HO2 EDO F . -15.87 10.23 -12.82
C10 HYO G . -6.28 4.96 2.67
C13 HYO G . -5.89 2.41 4.48
C15 HYO G . -4.89 0.98 6.18
C17 HYO G . -3.58 0.62 6.70
C20 HYO G . -5.85 0.88 8.50
C21 HYO G . -4.52 0.50 9.02
C05 HYO G . -3.87 6.23 3.42
C06 HYO G . -5.16 5.46 1.79
C07 HYO G . -3.07 5.00 2.87
C08 HYO G . -3.95 4.47 1.82
C09 HYO G . -4.78 5.87 4.57
C11 HYO G . -5.81 4.70 4.18
C12 HYO G . -3.79 7.36 1.32
C14 HYO G . -5.06 1.17 4.71
C16 HYO G . -5.74 -0.10 4.12
C18 HYO G . -6.04 1.10 7.07
C19 HYO G . -3.38 0.38 8.12
N04 HYO G . -4.58 6.64 2.28
O01 HYO G . -5.13 3.54 4.35
O02 HYO G . -7.10 2.43 4.39
O03 HYO G . -4.97 -1.27 4.41
H1 HYO G . -7.00 5.60 2.67
H2 HYO G . -6.62 4.12 2.30
H3 HYO G . -2.85 0.55 6.12
H4 HYO G . -6.56 0.98 9.09
H5 HYO G . -4.42 0.34 9.93
H6 HYO G . -3.22 6.89 3.73
H7 HYO G . -5.51 5.55 0.89
H8 HYO G . -2.95 4.33 3.57
H9 HYO G . -2.23 5.27 2.50
H10 HYO G . -3.50 4.48 0.96
H11 HYO G . -4.25 3.57 2.05
H12 HYO G . -5.28 6.67 4.82
H13 HYO G . -4.24 5.59 5.32
H14 HYO G . -6.59 4.63 4.74
H15 HYO G . -3.37 8.12 1.75
H16 HYO G . -4.38 7.67 0.60
H17 HYO G . -3.12 6.77 0.94
H18 HYO G . -4.22 1.30 4.25
H19 HYO G . -6.62 -0.20 4.52
H20 HYO G . -5.83 0.00 3.16
H21 HYO G . -6.88 1.31 6.74
H22 HYO G . -2.54 0.13 8.46
H24 HYO G . -5.29 -1.94 4.00
SR SR H . 6.24 -15.00 -13.96
NI NI I . 0.43 5.69 0.21
NA NA J . -9.48 15.92 -16.58
UNK UNX K . 17.20 8.61 20.30
UNK UNX L . 18.32 19.94 2.48
UNK UNX M . 4.49 11.25 -16.93
#